data_6U12
#
_entry.id   6U12
#
_cell.length_a   83.210
_cell.length_b   83.210
_cell.length_c   64.930
_cell.angle_alpha   90.000
_cell.angle_beta   90.000
_cell.angle_gamma   90.000
#
_symmetry.space_group_name_H-M   'P 43'
#
loop_
_entity.id
_entity.type
_entity.pdbx_description
1 polymer InlB
2 polymer 'VHH R303 C33A/C102A mutant'
3 water water
#
loop_
_entity_poly.entity_id
_entity_poly.type
_entity_poly.pdbx_seq_one_letter_code
_entity_poly.pdbx_strand_id
1 'polypeptide(L)'
;MGSHHHHHHENLYFQGETITVSTPIKQIFPDDAFAETIKDNLKKKSVTDAVTQNELNSIDQIIANNSDIKSVQGIQYLPN
VTKLFLNGNKLTDIKPLVNLKNLGWLFLDENKIKDLSSLKDLKKLKSLSLEHNGISDINGLVHLPQLESLYLGNNKITDI
TVLSRLTKLDTLSLEDNQISDIVPLAGLTKLQNLYLSKNHISDLRALAGLKNLDVLELFSQEALNKPIN
;
A
2 'polypeptide(L)'
;QVKLEESGGGSVQAGGSLRLSCAASGHTYSTYAMGWFRQVPGKEREGVARINVGGSSTWYADSVRDRFTISQDNAKNTVY
LQMNSLKLEDTAIYYCTLHRFANTWSLGTLNVWGQGTQVTVSSGSEQKLISEEDLNHHHHHH
;
B
#
# COMPACT_ATOMS: atom_id res chain seq x y z
N GLU A 17 -16.99 3.65 22.81
CA GLU A 17 -17.04 4.90 22.05
C GLU A 17 -15.90 5.83 22.43
N THR A 18 -15.91 6.32 23.66
CA THR A 18 -14.97 7.33 24.11
C THR A 18 -14.44 6.98 25.49
N ILE A 19 -13.22 7.44 25.76
CA ILE A 19 -12.60 7.35 27.08
C ILE A 19 -12.90 8.64 27.82
N THR A 20 -13.81 8.59 28.80
CA THR A 20 -14.32 9.83 29.38
C THR A 20 -13.26 10.53 30.22
N VAL A 21 -12.49 9.77 31.01
CA VAL A 21 -11.39 10.33 31.78
C VAL A 21 -10.13 9.49 31.55
N SER A 22 -8.98 10.09 31.87
CA SER A 22 -7.70 9.46 31.59
C SER A 22 -7.65 8.05 32.17
N THR A 23 -7.10 7.11 31.37
CA THR A 23 -7.11 5.69 31.65
C THR A 23 -5.81 5.02 31.20
N PRO A 24 -5.26 4.12 32.00
CA PRO A 24 -4.02 3.44 31.60
C PRO A 24 -4.17 2.72 30.26
N ILE A 25 -3.13 2.81 29.43
CA ILE A 25 -3.12 2.11 28.15
C ILE A 25 -3.41 0.63 28.34
N LYS A 26 -2.79 0.03 29.36
CA LYS A 26 -2.98 -1.38 29.69
C LYS A 26 -4.45 -1.77 29.84
N GLN A 27 -5.28 -0.87 30.36
CA GLN A 27 -6.68 -1.21 30.57
C GLN A 27 -7.51 -1.15 29.30
N ILE A 28 -7.17 -0.24 28.39
CA ILE A 28 -7.94 -0.04 27.15
C ILE A 28 -7.62 -1.12 26.13
N PHE A 29 -6.38 -1.60 26.10
CA PHE A 29 -5.87 -2.47 25.04
C PHE A 29 -5.40 -3.77 25.68
N PRO A 30 -6.27 -4.77 25.77
CA PRO A 30 -5.93 -5.96 26.59
C PRO A 30 -4.84 -6.82 25.99
N ASP A 31 -4.66 -6.76 24.66
CA ASP A 31 -3.60 -7.52 24.01
C ASP A 31 -2.26 -6.87 24.35
N ASP A 32 -1.36 -7.61 25.02
CA ASP A 32 -0.12 -7.00 25.52
C ASP A 32 0.70 -6.43 24.37
N ALA A 33 0.69 -7.09 23.22
CA ALA A 33 1.44 -6.58 22.07
C ALA A 33 0.83 -5.28 21.52
N PHE A 34 -0.49 -5.24 21.41
CA PHE A 34 -1.14 -4.03 20.92
C PHE A 34 -1.03 -2.87 21.91
N ALA A 35 -1.04 -3.17 23.21
CA ALA A 35 -0.82 -2.09 24.17
C ALA A 35 0.55 -1.48 23.99
N GLU A 36 1.55 -2.33 23.75
CA GLU A 36 2.90 -1.81 23.51
C GLU A 36 2.95 -1.00 22.22
N THR A 37 2.21 -1.43 21.20
CA THR A 37 2.13 -0.64 19.98
C THR A 37 1.62 0.76 20.26
N ILE A 38 0.56 0.86 21.07
CA ILE A 38 0.00 2.18 21.37
C ILE A 38 1.00 2.99 22.19
N LYS A 39 1.62 2.37 23.20
CA LYS A 39 2.62 3.06 24.00
C LYS A 39 3.70 3.66 23.10
N ASP A 40 4.21 2.88 22.17
CA ASP A 40 5.30 3.35 21.32
C ASP A 40 4.79 4.41 20.36
N ASN A 41 3.57 4.24 19.85
CA ASN A 41 3.00 5.22 18.94
C ASN A 41 2.90 6.60 19.59
N LEU A 42 2.48 6.65 20.85
CA LEU A 42 2.35 7.91 21.57
C LEU A 42 3.61 8.29 22.32
N LYS A 43 4.69 7.51 22.14
CA LYS A 43 5.98 7.78 22.79
C LYS A 43 5.81 7.90 24.30
N LYS A 44 4.98 7.02 24.85
CA LYS A 44 4.81 6.95 26.29
C LYS A 44 5.89 6.06 26.92
N LYS A 45 6.07 6.22 28.23
CA LYS A 45 7.09 5.46 28.94
C LYS A 45 6.64 4.04 29.25
N SER A 46 5.35 3.85 29.52
CA SER A 46 4.88 2.58 30.05
C SER A 46 3.41 2.40 29.67
N VAL A 47 3.01 1.14 29.50
CA VAL A 47 1.61 0.82 29.25
C VAL A 47 0.74 1.13 30.46
N THR A 48 1.34 1.38 31.63
CA THR A 48 0.58 1.85 32.78
C THR A 48 0.30 3.35 32.70
N ASP A 49 0.94 4.07 31.79
CA ASP A 49 0.65 5.49 31.65
C ASP A 49 -0.78 5.69 31.20
N ALA A 50 -1.44 6.69 31.79
CA ALA A 50 -2.82 7.00 31.46
C ALA A 50 -2.87 7.96 30.28
N VAL A 51 -3.88 7.77 29.42
CA VAL A 51 -4.08 8.59 28.23
C VAL A 51 -5.52 9.10 28.27
N THR A 52 -5.73 10.27 27.68
CA THR A 52 -7.05 10.84 27.49
C THR A 52 -7.59 10.49 26.10
N GLN A 53 -8.90 10.66 25.93
CA GLN A 53 -9.48 10.57 24.60
C GLN A 53 -8.83 11.57 23.63
N ASN A 54 -8.46 12.76 24.12
CA ASN A 54 -7.79 13.73 23.26
C ASN A 54 -6.49 13.17 22.70
N GLU A 55 -5.68 12.52 23.54
CA GLU A 55 -4.46 11.90 23.04
C GLU A 55 -4.75 10.77 22.05
N LEU A 56 -5.73 9.91 22.35
CA LEU A 56 -6.07 8.86 21.40
C LEU A 56 -6.58 9.45 20.08
N ASN A 57 -7.24 10.62 20.15
CA ASN A 57 -7.73 11.28 18.93
C ASN A 57 -6.58 11.73 18.04
N SER A 58 -5.37 11.85 18.58
CA SER A 58 -4.24 12.29 17.78
C SER A 58 -3.64 11.20 16.90
N ILE A 59 -4.05 9.95 17.06
CA ILE A 59 -3.44 8.84 16.34
C ILE A 59 -4.12 8.75 14.98
N ASP A 60 -3.37 8.99 13.92
CA ASP A 60 -3.88 8.79 12.57
C ASP A 60 -3.26 7.63 11.82
N GLN A 61 -2.20 7.03 12.34
CA GLN A 61 -1.57 5.91 11.66
C GLN A 61 -0.96 4.99 12.70
N ILE A 62 -1.17 3.70 12.51
CA ILE A 62 -0.60 2.64 13.34
C ILE A 62 0.21 1.71 12.44
N ILE A 63 1.48 1.53 12.79
CA ILE A 63 2.37 0.59 12.13
C ILE A 63 2.62 -0.56 13.10
N ALA A 64 1.99 -1.69 12.84
CA ALA A 64 2.11 -2.83 13.75
C ALA A 64 2.15 -4.12 12.96
N ASN A 65 2.99 -4.18 11.93
CA ASN A 65 3.21 -5.44 11.23
C ASN A 65 4.06 -6.37 12.10
N ASN A 66 3.85 -7.67 11.92
CA ASN A 66 4.74 -8.69 12.47
C ASN A 66 4.92 -8.52 13.97
N SER A 67 3.80 -8.28 14.66
CA SER A 67 3.81 -7.94 16.08
C SER A 67 3.09 -8.90 17.00
N ASP A 68 2.76 -10.10 16.53
CA ASP A 68 2.15 -11.14 17.36
C ASP A 68 0.88 -10.67 18.03
N ILE A 69 0.12 -9.82 17.36
CA ILE A 69 -1.11 -9.28 17.94
C ILE A 69 -2.24 -10.26 17.66
N LYS A 70 -2.96 -10.65 18.72
CA LYS A 70 -4.10 -11.54 18.59
C LYS A 70 -5.43 -10.79 18.60
N SER A 71 -5.46 -9.57 19.15
CA SER A 71 -6.69 -8.81 19.25
C SER A 71 -6.37 -7.32 19.20
N VAL A 72 -7.14 -6.57 18.41
CA VAL A 72 -7.04 -5.12 18.41
C VAL A 72 -8.15 -4.47 19.24
N GLN A 73 -8.71 -5.20 20.20
CA GLN A 73 -9.64 -4.59 21.14
C GLN A 73 -9.03 -3.32 21.73
N GLY A 74 -9.85 -2.27 21.79
CA GLY A 74 -9.41 -0.95 22.16
C GLY A 74 -9.25 0.00 20.99
N ILE A 75 -9.02 -0.53 19.79
CA ILE A 75 -8.84 0.36 18.66
C ILE A 75 -10.10 1.17 18.36
N GLN A 76 -11.24 0.75 18.91
CA GLN A 76 -12.49 1.47 18.73
C GLN A 76 -12.39 2.91 19.21
N TYR A 77 -11.47 3.18 20.13
CA TYR A 77 -11.30 4.49 20.72
C TYR A 77 -10.34 5.39 19.95
N LEU A 78 -9.95 4.99 18.71
CA LEU A 78 -9.07 5.78 17.87
C LEU A 78 -9.85 6.24 16.64
N PRO A 79 -10.76 7.21 16.79
CA PRO A 79 -11.68 7.52 15.68
C PRO A 79 -11.00 8.09 14.45
N ASN A 80 -9.78 8.61 14.59
CA ASN A 80 -9.13 9.33 13.51
C ASN A 80 -8.05 8.52 12.78
N VAL A 81 -7.95 7.21 13.04
CA VAL A 81 -6.95 6.42 12.34
C VAL A 81 -7.36 6.27 10.88
N THR A 82 -6.44 6.62 9.97
CA THR A 82 -6.70 6.44 8.55
C THR A 82 -5.83 5.38 7.88
N LYS A 83 -4.67 5.03 8.47
CA LYS A 83 -3.73 4.06 7.91
C LYS A 83 -3.39 3.04 8.98
N LEU A 84 -3.61 1.76 8.69
CA LEU A 84 -3.50 0.70 9.70
C LEU A 84 -2.77 -0.47 9.07
N PHE A 85 -1.54 -0.72 9.53
CA PHE A 85 -0.66 -1.77 9.05
C PHE A 85 -0.63 -2.88 10.09
N LEU A 86 -1.26 -4.00 9.77
CA LEU A 86 -1.38 -5.16 10.65
C LEU A 86 -1.05 -6.44 9.89
N ASN A 87 -0.14 -6.37 8.92
CA ASN A 87 0.30 -7.57 8.22
C ASN A 87 1.05 -8.46 9.19
N GLY A 88 0.84 -9.77 9.06
CA GLY A 88 1.63 -10.74 9.80
C GLY A 88 1.38 -10.74 11.29
N ASN A 89 0.12 -10.92 11.67
CA ASN A 89 -0.27 -11.04 13.06
C ASN A 89 -1.11 -12.31 13.22
N LYS A 90 -1.82 -12.39 14.33
CA LYS A 90 -2.62 -13.57 14.69
C LYS A 90 -4.08 -13.16 14.87
N LEU A 91 -4.55 -12.27 14.02
CA LEU A 91 -5.94 -11.82 14.08
C LEU A 91 -6.90 -12.79 13.38
N THR A 92 -8.06 -12.94 13.98
CA THR A 92 -9.22 -13.57 13.35
C THR A 92 -10.47 -12.71 13.40
N ASP A 93 -10.55 -11.77 14.34
CA ASP A 93 -11.73 -10.95 14.57
C ASP A 93 -11.36 -9.50 14.32
N ILE A 94 -12.01 -8.87 13.34
CA ILE A 94 -11.83 -7.45 13.08
C ILE A 94 -13.07 -6.65 13.47
N LYS A 95 -13.91 -7.21 14.32
CA LYS A 95 -15.06 -6.45 14.80
C LYS A 95 -14.66 -5.12 15.43
N PRO A 96 -13.51 -4.98 16.09
CA PRO A 96 -13.18 -3.66 16.66
C PRO A 96 -12.94 -2.59 15.61
N LEU A 97 -12.78 -2.96 14.34
CA LEU A 97 -12.67 -1.97 13.27
C LEU A 97 -14.01 -1.42 12.79
N VAL A 98 -15.14 -2.01 13.24
CA VAL A 98 -16.45 -1.78 12.62
C VAL A 98 -16.77 -0.32 12.43
N ASN A 99 -16.48 0.52 13.43
CA ASN A 99 -16.89 1.91 13.38
C ASN A 99 -15.72 2.89 13.22
N LEU A 100 -14.60 2.44 12.64
CA LEU A 100 -13.47 3.34 12.33
C LEU A 100 -13.78 4.02 10.99
N LYS A 101 -14.60 5.06 11.07
CA LYS A 101 -15.23 5.66 9.89
C LYS A 101 -14.21 6.29 8.95
N ASN A 102 -13.04 6.67 9.47
CA ASN A 102 -12.05 7.38 8.67
C ASN A 102 -10.95 6.47 8.12
N LEU A 103 -11.06 5.16 8.29
CA LEU A 103 -10.03 4.26 7.79
C LEU A 103 -9.99 4.32 6.27
N GLY A 104 -8.77 4.58 5.75
CA GLY A 104 -8.57 4.68 4.32
C GLY A 104 -7.71 3.56 3.75
N TRP A 105 -6.73 3.10 4.51
CA TRP A 105 -5.77 2.10 4.05
CA TRP A 105 -5.77 2.10 4.05
C TRP A 105 -5.61 1.05 5.12
N LEU A 106 -5.88 -0.22 4.76
CA LEU A 106 -5.93 -1.30 5.73
C LEU A 106 -5.15 -2.49 5.20
N PHE A 107 -4.13 -2.91 5.95
CA PHE A 107 -3.25 -3.99 5.56
C PHE A 107 -3.36 -5.09 6.60
N LEU A 108 -3.84 -6.25 6.15
CA LEU A 108 -4.12 -7.41 7.00
C LEU A 108 -3.60 -8.70 6.40
N ASP A 109 -2.51 -8.64 5.62
CA ASP A 109 -1.93 -9.84 5.07
C ASP A 109 -1.53 -10.80 6.19
N GLU A 110 -1.57 -12.11 5.89
CA GLU A 110 -1.04 -13.13 6.79
C GLU A 110 -1.67 -13.01 8.18
N ASN A 111 -2.99 -12.88 8.20
CA ASN A 111 -3.80 -13.18 9.36
C ASN A 111 -4.74 -14.33 9.00
N LYS A 112 -5.81 -14.54 9.76
CA LYS A 112 -6.78 -15.59 9.47
C LYS A 112 -8.19 -15.02 9.58
N ILE A 113 -8.44 -13.96 8.83
CA ILE A 113 -9.71 -13.25 8.84
C ILE A 113 -10.65 -13.84 7.79
N LYS A 114 -11.82 -14.28 8.23
CA LYS A 114 -12.82 -14.89 7.36
C LYS A 114 -14.14 -14.13 7.37
N ASP A 115 -14.52 -13.56 8.51
CA ASP A 115 -15.76 -12.80 8.60
C ASP A 115 -15.46 -11.38 8.21
N LEU A 116 -15.93 -10.96 7.05
CA LEU A 116 -15.66 -9.63 6.53
C LEU A 116 -16.80 -8.65 6.77
N SER A 117 -17.82 -9.05 7.53
CA SER A 117 -18.98 -8.18 7.70
C SER A 117 -18.63 -6.93 8.46
N SER A 118 -17.55 -6.97 9.24
CA SER A 118 -17.17 -5.77 9.99
C SER A 118 -16.60 -4.68 9.08
N LEU A 119 -16.28 -5.00 7.81
CA LEU A 119 -15.78 -4.01 6.86
C LEU A 119 -16.89 -3.21 6.22
N LYS A 120 -18.14 -3.56 6.48
CA LYS A 120 -19.25 -3.12 5.65
C LYS A 120 -19.43 -1.62 5.67
N ASP A 121 -19.20 -0.96 6.80
CA ASP A 121 -19.44 0.48 6.92
C ASP A 121 -18.15 1.29 6.96
N LEU A 122 -17.06 0.72 6.47
CA LEU A 122 -15.80 1.45 6.27
C LEU A 122 -15.87 2.15 4.93
N LYS A 123 -16.73 3.16 4.86
CA LYS A 123 -17.10 3.74 3.57
C LYS A 123 -16.05 4.72 3.02
N LYS A 124 -14.98 5.00 3.75
CA LYS A 124 -13.85 5.79 3.24
C LYS A 124 -12.66 4.91 2.87
N LEU A 125 -12.80 3.60 3.03
CA LEU A 125 -11.71 2.69 2.75
C LEU A 125 -11.39 2.70 1.26
N LYS A 126 -10.15 3.00 0.96
CA LYS A 126 -9.63 3.04 -0.40
C LYS A 126 -8.77 1.84 -0.77
N SER A 127 -8.05 1.26 0.19
CA SER A 127 -7.10 0.20 -0.09
C SER A 127 -7.27 -0.88 0.97
N LEU A 128 -7.41 -2.13 0.53
CA LEU A 128 -7.58 -3.29 1.41
C LEU A 128 -6.67 -4.42 0.96
N SER A 129 -5.87 -4.93 1.88
CA SER A 129 -4.96 -6.04 1.59
C SER A 129 -5.27 -7.17 2.55
N LEU A 130 -5.66 -8.33 2.01
CA LEU A 130 -5.99 -9.53 2.75
C LEU A 130 -5.29 -10.74 2.14
N GLU A 131 -4.03 -10.56 1.72
CA GLU A 131 -3.31 -11.65 1.08
C GLU A 131 -2.97 -12.73 2.10
N HIS A 132 -3.03 -14.00 1.67
CA HIS A 132 -2.58 -15.12 2.51
C HIS A 132 -3.35 -15.16 3.83
N ASN A 133 -4.68 -15.14 3.75
CA ASN A 133 -5.56 -15.29 4.90
C ASN A 133 -6.40 -16.58 4.83
N GLY A 134 -6.21 -17.41 3.81
CA GLY A 134 -7.03 -18.59 3.62
C GLY A 134 -8.47 -18.32 3.24
N ILE A 135 -8.74 -17.16 2.66
CA ILE A 135 -10.11 -16.76 2.34
C ILE A 135 -10.62 -17.49 1.11
N SER A 136 -11.87 -17.96 1.17
CA SER A 136 -12.54 -18.35 -0.06
C SER A 136 -13.77 -17.49 -0.39
N ASP A 137 -14.62 -17.18 0.58
CA ASP A 137 -15.87 -16.45 0.34
C ASP A 137 -15.64 -14.95 0.51
N ILE A 138 -15.67 -14.21 -0.60
CA ILE A 138 -15.47 -12.76 -0.54
C ILE A 138 -16.80 -12.01 -0.75
N ASN A 139 -17.94 -12.67 -0.54
CA ASN A 139 -19.21 -11.98 -0.76
C ASN A 139 -19.27 -10.68 0.03
N GLY A 140 -18.72 -10.66 1.24
CA GLY A 140 -18.81 -9.45 2.04
C GLY A 140 -18.09 -8.25 1.48
N LEU A 141 -17.14 -8.45 0.56
CA LEU A 141 -16.48 -7.30 -0.07
C LEU A 141 -17.44 -6.52 -0.97
N VAL A 142 -18.62 -7.05 -1.28
CA VAL A 142 -19.60 -6.32 -2.09
C VAL A 142 -19.99 -5.01 -1.45
N HIS A 143 -19.78 -4.86 -0.15
CA HIS A 143 -20.19 -3.65 0.55
C HIS A 143 -19.16 -2.53 0.52
N LEU A 144 -18.09 -2.67 -0.25
CA LEU A 144 -17.01 -1.68 -0.35
C LEU A 144 -16.90 -1.13 -1.77
N PRO A 145 -18.00 -0.63 -2.36
CA PRO A 145 -17.95 -0.20 -3.77
C PRO A 145 -17.05 0.99 -4.04
N GLN A 146 -16.55 1.66 -3.00
CA GLN A 146 -15.62 2.77 -3.18
C GLN A 146 -14.16 2.36 -3.23
N LEU A 147 -13.85 1.06 -3.10
CA LEU A 147 -12.45 0.64 -3.03
C LEU A 147 -11.70 0.93 -4.33
N GLU A 148 -10.46 1.40 -4.18
CA GLU A 148 -9.59 1.68 -5.31
C GLU A 148 -8.50 0.65 -5.51
N SER A 149 -8.03 0.02 -4.42
CA SER A 149 -6.99 -1.00 -4.47
C SER A 149 -7.43 -2.20 -3.62
N LEU A 150 -7.31 -3.39 -4.15
CA LEU A 150 -7.72 -4.63 -3.47
C LEU A 150 -6.69 -5.70 -3.77
N TYR A 151 -6.06 -6.25 -2.71
CA TYR A 151 -5.03 -7.27 -2.85
C TYR A 151 -5.55 -8.51 -2.12
N LEU A 152 -5.80 -9.58 -2.88
CA LEU A 152 -6.32 -10.86 -2.40
C LEU A 152 -5.45 -12.04 -2.87
N GLY A 153 -4.20 -11.77 -3.25
CA GLY A 153 -3.33 -12.85 -3.67
C GLY A 153 -3.15 -13.92 -2.61
N ASN A 154 -2.89 -15.14 -3.07
CA ASN A 154 -2.54 -16.26 -2.21
C ASN A 154 -3.67 -16.55 -1.23
N ASN A 155 -4.87 -16.74 -1.78
CA ASN A 155 -6.02 -17.20 -1.00
C ASN A 155 -6.63 -18.42 -1.72
N LYS A 156 -7.93 -18.68 -1.49
CA LYS A 156 -8.64 -19.86 -2.00
C LYS A 156 -9.93 -19.44 -2.71
N ILE A 157 -9.87 -18.34 -3.45
CA ILE A 157 -11.07 -17.70 -3.99
C ILE A 157 -11.40 -18.36 -5.30
N THR A 158 -12.68 -18.67 -5.51
CA THR A 158 -13.21 -19.07 -6.82
C THR A 158 -14.13 -18.03 -7.42
N ASP A 159 -15.09 -17.50 -6.67
CA ASP A 159 -16.23 -16.73 -7.21
C ASP A 159 -15.95 -15.27 -6.93
N ILE A 160 -15.68 -14.49 -7.98
CA ILE A 160 -15.45 -13.07 -7.85
C ILE A 160 -16.63 -12.24 -8.36
N THR A 161 -17.84 -12.80 -8.37
CA THR A 161 -19.02 -12.06 -8.84
C THR A 161 -19.11 -10.68 -8.19
N VAL A 162 -18.86 -10.61 -6.87
CA VAL A 162 -19.22 -9.38 -6.18
C VAL A 162 -18.27 -8.24 -6.57
N LEU A 163 -17.10 -8.58 -7.15
CA LEU A 163 -16.16 -7.53 -7.51
C LEU A 163 -16.71 -6.68 -8.66
N SER A 164 -17.76 -7.15 -9.36
CA SER A 164 -18.38 -6.34 -10.41
C SER A 164 -19.03 -5.07 -9.86
N ARG A 165 -19.30 -4.99 -8.55
CA ARG A 165 -19.85 -3.77 -7.98
C ARG A 165 -18.75 -2.75 -7.67
N LEU A 166 -17.48 -3.16 -7.65
CA LEU A 166 -16.35 -2.32 -7.22
C LEU A 166 -15.79 -1.58 -8.43
N THR A 167 -16.63 -0.66 -8.90
CA THR A 167 -16.42 0.02 -10.17
C THR A 167 -15.35 1.09 -10.08
N LYS A 168 -14.78 1.35 -8.90
CA LYS A 168 -13.73 2.35 -8.76
C LYS A 168 -12.36 1.71 -8.62
N LEU A 169 -12.27 0.38 -8.70
CA LEU A 169 -11.00 -0.28 -8.55
C LEU A 169 -10.07 0.11 -9.67
N ASP A 170 -8.87 0.55 -9.31
CA ASP A 170 -7.82 0.66 -10.31
C ASP A 170 -6.67 -0.32 -10.16
N THR A 171 -6.55 -1.00 -9.02
CA THR A 171 -5.54 -2.02 -8.77
C THR A 171 -6.18 -3.21 -8.08
N LEU A 172 -6.03 -4.39 -8.68
CA LEU A 172 -6.67 -5.60 -8.17
C LEU A 172 -5.70 -6.76 -8.33
N SER A 173 -5.31 -7.38 -7.23
CA SER A 173 -4.56 -8.63 -7.35
C SER A 173 -5.43 -9.80 -6.86
N LEU A 174 -5.63 -10.77 -7.77
CA LEU A 174 -6.25 -12.05 -7.50
C LEU A 174 -5.30 -13.21 -7.79
N GLU A 175 -4.00 -12.94 -7.82
CA GLU A 175 -3.06 -14.00 -8.17
C GLU A 175 -3.05 -15.09 -7.12
N ASP A 176 -2.78 -16.31 -7.60
CA ASP A 176 -2.63 -17.47 -6.74
C ASP A 176 -3.91 -17.71 -5.95
N ASN A 177 -4.99 -17.97 -6.70
CA ASN A 177 -6.28 -18.36 -6.16
C ASN A 177 -6.79 -19.53 -7.01
N GLN A 178 -8.09 -19.72 -7.08
CA GLN A 178 -8.69 -20.85 -7.80
C GLN A 178 -9.68 -20.38 -8.88
N ILE A 179 -9.40 -19.24 -9.49
CA ILE A 179 -10.36 -18.57 -10.35
C ILE A 179 -10.25 -19.13 -11.76
N SER A 180 -11.40 -19.46 -12.37
CA SER A 180 -11.50 -19.69 -13.81
C SER A 180 -12.42 -18.71 -14.53
N ASP A 181 -13.36 -18.08 -13.84
CA ASP A 181 -14.38 -17.23 -14.46
C ASP A 181 -14.08 -15.78 -14.09
N ILE A 182 -13.60 -15.00 -15.06
CA ILE A 182 -13.31 -13.60 -14.81
C ILE A 182 -14.33 -12.69 -15.46
N VAL A 183 -15.47 -13.22 -15.89
CA VAL A 183 -16.49 -12.35 -16.46
C VAL A 183 -16.90 -11.22 -15.52
N PRO A 184 -16.94 -11.39 -14.19
CA PRO A 184 -17.30 -10.26 -13.32
C PRO A 184 -16.36 -9.07 -13.37
N LEU A 185 -15.19 -9.21 -13.99
CA LEU A 185 -14.29 -8.07 -14.16
C LEU A 185 -14.57 -7.23 -15.41
N ALA A 186 -15.48 -7.68 -16.30
CA ALA A 186 -15.66 -7.09 -17.62
C ALA A 186 -15.99 -5.61 -17.56
N GLY A 187 -16.77 -5.20 -16.59
CA GLY A 187 -17.23 -3.84 -16.49
C GLY A 187 -16.37 -2.93 -15.65
N LEU A 188 -15.22 -3.39 -15.18
CA LEU A 188 -14.39 -2.61 -14.28
C LEU A 188 -13.41 -1.75 -15.09
N THR A 189 -14.01 -0.74 -15.73
CA THR A 189 -13.36 0.04 -16.77
C THR A 189 -12.16 0.80 -16.24
N LYS A 190 -12.13 1.10 -14.93
CA LYS A 190 -11.03 1.87 -14.39
C LYS A 190 -9.82 1.04 -14.00
N LEU A 191 -9.86 -0.29 -14.17
CA LEU A 191 -8.69 -1.08 -13.82
C LEU A 191 -7.47 -0.68 -14.63
N GLN A 192 -6.38 -0.44 -13.92
CA GLN A 192 -5.07 -0.15 -14.51
C GLN A 192 -4.08 -1.27 -14.28
N ASN A 193 -4.11 -1.91 -13.12
CA ASN A 193 -3.10 -2.88 -12.74
C ASN A 193 -3.81 -4.12 -12.25
N LEU A 194 -3.68 -5.21 -13.00
CA LEU A 194 -4.49 -6.41 -12.78
C LEU A 194 -3.58 -7.62 -12.76
N TYR A 195 -3.66 -8.41 -11.67
CA TYR A 195 -2.72 -9.50 -11.44
C TYR A 195 -3.53 -10.78 -11.29
N LEU A 196 -3.40 -11.67 -12.28
CA LEU A 196 -4.20 -12.88 -12.37
C LEU A 196 -3.36 -14.14 -12.52
N SER A 197 -2.05 -14.06 -12.29
CA SER A 197 -1.20 -15.24 -12.41
C SER A 197 -1.65 -16.32 -11.45
N LYS A 198 -1.35 -17.57 -11.79
CA LYS A 198 -1.52 -18.70 -10.87
C LYS A 198 -2.99 -18.90 -10.49
N ASN A 199 -3.83 -18.95 -11.50
CA ASN A 199 -5.23 -19.33 -11.33
C ASN A 199 -5.53 -20.46 -12.29
N HIS A 200 -6.79 -20.60 -12.72
CA HIS A 200 -7.26 -21.66 -13.61
C HIS A 200 -7.86 -21.05 -14.86
N ILE A 201 -7.30 -19.95 -15.32
CA ILE A 201 -7.91 -19.17 -16.39
C ILE A 201 -7.43 -19.62 -17.78
N SER A 202 -8.39 -19.84 -18.69
N SER A 202 -8.39 -19.89 -18.68
CA SER A 202 -8.08 -20.06 -20.10
CA SER A 202 -8.10 -20.07 -20.10
C SER A 202 -8.78 -19.08 -21.03
C SER A 202 -8.69 -18.98 -20.98
N ASP A 203 -9.76 -18.33 -20.54
CA ASP A 203 -10.58 -17.50 -21.41
C ASP A 203 -10.63 -16.07 -20.87
N LEU A 204 -9.96 -15.16 -21.56
CA LEU A 204 -9.89 -13.76 -21.16
C LEU A 204 -10.82 -12.86 -21.98
N ARG A 205 -11.76 -13.43 -22.73
CA ARG A 205 -12.64 -12.63 -23.58
C ARG A 205 -13.27 -11.49 -22.81
N ALA A 206 -13.67 -11.74 -21.56
CA ALA A 206 -14.39 -10.71 -20.82
C ALA A 206 -13.53 -9.50 -20.51
N LEU A 207 -12.22 -9.60 -20.65
CA LEU A 207 -11.36 -8.46 -20.39
C LEU A 207 -11.11 -7.64 -21.65
N ALA A 208 -11.64 -8.05 -22.80
CA ALA A 208 -11.30 -7.41 -24.06
C ALA A 208 -11.65 -5.93 -24.09
N GLY A 209 -12.61 -5.49 -23.30
CA GLY A 209 -13.05 -4.11 -23.30
C GLY A 209 -12.43 -3.20 -22.28
N LEU A 210 -11.50 -3.68 -21.47
CA LEU A 210 -10.79 -2.84 -20.52
C LEU A 210 -9.74 -2.04 -21.28
N LYS A 211 -9.88 -0.73 -21.24
CA LYS A 211 -9.07 0.14 -22.08
C LYS A 211 -7.92 0.81 -21.35
N ASN A 212 -7.89 0.73 -20.01
CA ASN A 212 -6.94 1.53 -19.25
C ASN A 212 -5.86 0.71 -18.56
N LEU A 213 -5.69 -0.55 -18.95
CA LEU A 213 -4.71 -1.40 -18.30
C LEU A 213 -3.28 -0.98 -18.64
N ASP A 214 -2.45 -0.88 -17.62
CA ASP A 214 -1.02 -0.69 -17.76
C ASP A 214 -0.26 -1.98 -17.52
N VAL A 215 -0.79 -2.80 -16.62
CA VAL A 215 -0.19 -4.06 -16.18
C VAL A 215 -1.28 -5.11 -16.20
N LEU A 216 -1.04 -6.23 -16.89
CA LEU A 216 -1.92 -7.40 -16.85
C LEU A 216 -1.03 -8.63 -16.87
N GLU A 217 -0.98 -9.32 -15.74
CA GLU A 217 -0.15 -10.51 -15.59
C GLU A 217 -1.00 -11.77 -15.55
N LEU A 218 -0.68 -12.74 -16.43
CA LEU A 218 -1.46 -13.97 -16.54
C LEU A 218 -0.60 -15.23 -16.44
N PHE A 219 0.64 -15.10 -15.98
CA PHE A 219 1.57 -16.23 -15.97
C PHE A 219 1.06 -17.45 -15.19
N SER A 220 1.48 -18.62 -15.65
CA SER A 220 1.43 -19.84 -14.86
C SER A 220 0.02 -20.20 -14.43
N GLN A 221 -0.89 -20.28 -15.40
CA GLN A 221 -2.19 -20.86 -15.13
C GLN A 221 -2.11 -22.40 -15.07
N GLU A 222 -3.07 -22.99 -14.36
CA GLU A 222 -3.29 -24.43 -14.39
C GLU A 222 -4.70 -24.65 -14.93
N ALA A 223 -4.82 -24.99 -16.21
CA ALA A 223 -6.13 -25.09 -16.84
C ALA A 223 -6.97 -26.21 -16.24
N GLN B 1 16.12 -9.56 0.14
CA GLN B 1 17.19 -9.80 -0.83
C GLN B 1 17.08 -8.85 -2.03
N VAL B 2 16.04 -8.01 -2.06
CA VAL B 2 15.99 -6.93 -3.05
C VAL B 2 17.04 -5.89 -2.68
N LYS B 3 17.86 -5.50 -3.66
CA LYS B 3 18.91 -4.50 -3.48
C LYS B 3 18.68 -3.35 -4.44
N LEU B 4 18.83 -2.13 -3.94
CA LEU B 4 18.70 -0.92 -4.74
C LEU B 4 20.05 -0.23 -4.79
N GLU B 5 20.59 -0.08 -5.99
CA GLU B 5 21.88 0.56 -6.20
C GLU B 5 21.62 1.96 -6.74
N GLU B 6 22.03 2.98 -5.95
CA GLU B 6 21.79 4.37 -6.29
C GLU B 6 23.06 5.00 -6.84
N SER B 7 22.89 5.85 -7.85
CA SER B 7 23.99 6.60 -8.44
C SER B 7 23.52 8.00 -8.79
N GLY B 8 24.38 8.97 -8.54
CA GLY B 8 24.08 10.34 -8.82
C GLY B 8 23.86 11.14 -7.55
N GLY B 9 24.10 12.43 -7.66
CA GLY B 9 23.80 13.35 -6.59
C GLY B 9 24.92 14.37 -6.45
N GLY B 10 24.84 15.12 -5.37
CA GLY B 10 25.87 16.07 -5.05
C GLY B 10 25.35 17.49 -5.09
N SER B 11 26.25 18.42 -5.38
CA SER B 11 25.93 19.84 -5.37
C SER B 11 25.72 20.32 -6.79
N VAL B 12 24.73 21.19 -6.96
CA VAL B 12 24.37 21.76 -8.26
C VAL B 12 23.92 23.20 -8.03
N GLN B 13 24.18 24.05 -9.02
CA GLN B 13 23.73 25.44 -8.99
C GLN B 13 22.27 25.55 -9.39
N ALA B 14 21.58 26.49 -8.75
CA ALA B 14 20.18 26.76 -9.06
C ALA B 14 20.05 26.96 -10.56
N GLY B 15 18.97 26.43 -11.12
CA GLY B 15 18.79 26.44 -12.55
C GLY B 15 19.48 25.33 -13.30
N GLY B 16 20.39 24.60 -12.66
CA GLY B 16 21.10 23.53 -13.31
C GLY B 16 20.32 22.22 -13.32
N SER B 17 21.03 21.15 -13.70
CA SER B 17 20.40 19.86 -13.96
C SER B 17 21.20 18.77 -13.25
N LEU B 18 20.51 17.69 -12.92
CA LEU B 18 21.13 16.53 -12.30
C LEU B 18 20.32 15.31 -12.70
N ARG B 19 20.99 14.18 -12.91
CA ARG B 19 20.33 12.92 -13.25
C ARG B 19 20.69 11.84 -12.24
N LEU B 20 19.69 11.27 -11.60
CA LEU B 20 19.85 10.16 -10.66
C LEU B 20 19.52 8.84 -11.36
N SER B 21 20.11 7.76 -10.85
CA SER B 21 19.83 6.41 -11.36
C SER B 21 19.58 5.49 -10.19
N CYS B 22 18.78 4.44 -10.43
CA CYS B 22 18.57 3.41 -9.43
C CYS B 22 18.26 2.09 -10.14
N ALA B 23 19.02 1.04 -9.81
CA ALA B 23 18.89 -0.28 -10.41
C ALA B 23 18.49 -1.27 -9.34
N ALA B 24 17.46 -2.07 -9.61
CA ALA B 24 16.91 -3.04 -8.67
C ALA B 24 17.44 -4.42 -9.00
N SER B 25 17.94 -5.12 -7.99
CA SER B 25 18.51 -6.44 -8.15
C SER B 25 17.87 -7.38 -7.14
N GLY B 26 17.98 -8.68 -7.42
CA GLY B 26 17.51 -9.68 -6.47
C GLY B 26 16.01 -9.83 -6.37
N HIS B 27 15.28 -9.54 -7.45
CA HIS B 27 13.83 -9.67 -7.45
C HIS B 27 13.38 -10.45 -8.66
N THR B 28 12.09 -10.82 -8.64
CA THR B 28 11.47 -11.62 -9.68
C THR B 28 10.33 -10.90 -10.39
N TYR B 29 10.03 -9.67 -10.00
CA TYR B 29 8.82 -9.01 -10.44
C TYR B 29 8.78 -8.83 -11.95
N SER B 30 7.67 -9.25 -12.55
CA SER B 30 7.41 -8.92 -13.95
C SER B 30 7.24 -7.42 -14.13
N THR B 31 6.49 -6.77 -13.22
CA THR B 31 6.27 -5.34 -13.17
C THR B 31 6.35 -4.90 -11.71
N TYR B 32 6.72 -3.65 -11.50
CA TYR B 32 6.85 -3.14 -10.14
C TYR B 32 7.00 -1.63 -10.18
N ALA B 33 6.76 -0.98 -9.04
CA ALA B 33 6.92 0.47 -8.92
C ALA B 33 8.27 0.81 -8.31
N MET B 34 9.01 1.71 -8.97
CA MET B 34 10.28 2.17 -8.43
C MET B 34 10.39 3.66 -8.72
N GLY B 35 11.10 4.36 -7.86
CA GLY B 35 11.27 5.78 -8.06
C GLY B 35 11.96 6.33 -6.83
N TRP B 36 11.69 7.62 -6.55
CA TRP B 36 12.37 8.29 -5.47
C TRP B 36 11.39 8.93 -4.50
N PHE B 37 11.74 8.89 -3.22
CA PHE B 37 11.22 9.84 -2.23
C PHE B 37 12.36 10.78 -1.91
N ARG B 38 12.04 11.87 -1.20
CA ARG B 38 13.07 12.76 -0.66
C ARG B 38 12.66 13.26 0.71
N GLN B 39 13.65 13.72 1.47
CA GLN B 39 13.40 14.23 2.81
C GLN B 39 14.19 15.50 3.00
N VAL B 40 13.51 16.64 3.04
CA VAL B 40 14.11 17.95 3.24
C VAL B 40 14.12 18.26 4.73
N GLU B 44 9.60 15.34 7.02
CA GLU B 44 9.21 13.96 6.72
C GLU B 44 9.39 13.62 5.24
N ARG B 45 9.70 12.36 4.97
CA ARG B 45 9.96 11.96 3.59
C ARG B 45 8.70 12.03 2.75
N GLU B 46 8.84 12.49 1.51
CA GLU B 46 7.73 12.66 0.60
C GLU B 46 8.04 12.02 -0.74
N GLY B 47 7.01 11.51 -1.41
CA GLY B 47 7.22 10.99 -2.73
C GLY B 47 7.64 12.07 -3.71
N VAL B 48 8.48 11.68 -4.68
CA VAL B 48 8.95 12.58 -5.74
C VAL B 48 8.46 12.13 -7.12
N ALA B 49 8.80 10.91 -7.49
CA ALA B 49 8.47 10.40 -8.81
C ALA B 49 8.48 8.88 -8.77
N ARG B 50 7.54 8.27 -9.53
CA ARG B 50 7.40 6.81 -9.60
C ARG B 50 7.12 6.42 -11.03
N ILE B 51 7.65 5.27 -11.44
CA ILE B 51 7.31 4.66 -12.72
C ILE B 51 7.01 3.17 -12.52
N ASN B 52 6.11 2.64 -13.35
CA ASN B 52 5.81 1.21 -13.36
C ASN B 52 6.81 0.53 -14.28
N VAL B 53 7.86 -0.04 -13.69
CA VAL B 53 8.82 -0.80 -14.48
C VAL B 53 8.10 -1.99 -15.09
N GLY B 54 8.23 -2.15 -16.41
CA GLY B 54 7.48 -3.16 -17.13
C GLY B 54 6.13 -2.71 -17.61
N GLY B 55 5.73 -1.50 -17.23
CA GLY B 55 4.57 -0.81 -17.74
C GLY B 55 5.01 0.53 -18.26
N SER B 56 4.12 1.53 -18.20
CA SER B 56 4.51 2.88 -18.58
C SER B 56 3.94 3.96 -17.66
N SER B 57 3.10 3.62 -16.68
CA SER B 57 2.46 4.64 -15.86
C SER B 57 3.50 5.33 -14.99
N THR B 58 3.33 6.64 -14.79
CA THR B 58 4.20 7.42 -13.92
C THR B 58 3.36 8.22 -12.94
N TRP B 59 4.02 8.71 -11.89
CA TRP B 59 3.44 9.64 -10.94
C TRP B 59 4.53 10.61 -10.54
N TYR B 60 4.15 11.88 -10.39
CA TYR B 60 5.06 12.93 -9.94
C TYR B 60 4.39 13.73 -8.84
N ALA B 61 5.17 14.15 -7.86
CA ALA B 61 4.71 15.18 -6.94
C ALA B 61 4.42 16.46 -7.71
N ASP B 62 3.42 17.20 -7.22
CA ASP B 62 3.02 18.44 -7.88
C ASP B 62 4.18 19.42 -7.99
N SER B 63 5.05 19.46 -6.99
CA SER B 63 6.13 20.46 -6.96
C SER B 63 7.24 20.21 -7.98
N VAL B 64 7.31 19.02 -8.58
CA VAL B 64 8.38 18.67 -9.51
C VAL B 64 7.88 18.30 -10.89
N ARG B 65 6.56 18.30 -11.10
CA ARG B 65 5.96 17.58 -12.23
C ARG B 65 6.67 17.86 -13.55
N ASP B 66 6.74 19.12 -13.96
CA ASP B 66 7.22 19.41 -15.30
C ASP B 66 8.71 19.70 -15.35
N ARG B 67 9.38 19.73 -14.21
CA ARG B 67 10.82 19.91 -14.15
C ARG B 67 11.59 18.61 -14.09
N PHE B 68 11.01 17.57 -13.50
CA PHE B 68 11.62 16.27 -13.37
C PHE B 68 10.92 15.29 -14.32
N THR B 69 11.69 14.34 -14.85
CA THR B 69 11.17 13.30 -15.71
C THR B 69 11.77 11.96 -15.31
N ILE B 70 10.93 11.00 -15.07
CA ILE B 70 11.38 9.67 -14.68
C ILE B 70 11.20 8.74 -15.88
N SER B 71 12.17 7.85 -16.07
CA SER B 71 12.18 6.93 -17.19
C SER B 71 12.74 5.61 -16.71
N GLN B 72 12.69 4.60 -17.58
CA GLN B 72 13.14 3.27 -17.21
C GLN B 72 13.93 2.64 -18.35
N ASP B 73 14.78 1.69 -17.98
CA ASP B 73 15.31 0.67 -18.88
C ASP B 73 14.78 -0.64 -18.31
N ASN B 74 13.65 -1.11 -18.85
CA ASN B 74 12.98 -2.29 -18.29
C ASN B 74 13.94 -3.49 -18.23
N ALA B 75 14.57 -3.81 -19.36
CA ALA B 75 15.47 -4.96 -19.39
C ALA B 75 16.62 -4.81 -18.39
N LYS B 76 17.06 -3.57 -18.14
CA LYS B 76 18.13 -3.32 -17.17
C LYS B 76 17.61 -3.11 -15.75
N ASN B 77 16.30 -3.16 -15.54
CA ASN B 77 15.74 -2.97 -14.21
C ASN B 77 16.25 -1.71 -13.54
N THR B 78 16.34 -0.63 -14.31
CA THR B 78 16.88 0.64 -13.86
C THR B 78 15.89 1.74 -14.18
N VAL B 79 15.81 2.72 -13.29
CA VAL B 79 15.04 3.92 -13.53
C VAL B 79 15.97 5.12 -13.41
N TYR B 80 15.58 6.19 -14.06
CA TYR B 80 16.37 7.41 -14.15
C TYR B 80 15.50 8.60 -13.83
N LEU B 81 16.05 9.56 -13.09
CA LEU B 81 15.34 10.79 -12.73
C LEU B 81 16.16 11.95 -13.28
N GLN B 82 15.63 12.58 -14.32
CA GLN B 82 16.25 13.76 -14.89
C GLN B 82 15.65 14.98 -14.21
N MET B 83 16.49 15.69 -13.43
CA MET B 83 16.04 16.83 -12.63
C MET B 83 16.54 18.10 -13.32
N ASN B 84 15.63 18.83 -13.93
CA ASN B 84 16.00 20.08 -14.58
C ASN B 84 15.45 21.26 -13.80
N SER B 85 15.92 22.45 -14.17
CA SER B 85 15.55 23.71 -13.52
C SER B 85 15.52 23.56 -12.00
N LEU B 86 16.64 23.10 -11.46
CA LEU B 86 16.68 22.81 -10.04
C LEU B 86 16.50 24.07 -9.21
N LYS B 87 15.76 23.92 -8.12
CA LYS B 87 15.42 25.02 -7.22
C LYS B 87 15.96 24.76 -5.83
N LEU B 88 16.12 25.85 -5.07
CA LEU B 88 16.57 25.70 -3.69
C LEU B 88 15.68 24.72 -2.93
N GLU B 89 14.38 24.73 -3.22
CA GLU B 89 13.42 23.85 -2.56
C GLU B 89 13.66 22.37 -2.84
N ASP B 90 14.54 22.04 -3.78
CA ASP B 90 14.83 20.65 -4.11
C ASP B 90 15.98 20.07 -3.29
N THR B 91 16.64 20.86 -2.46
CA THR B 91 17.69 20.32 -1.61
C THR B 91 17.10 19.34 -0.61
N ALA B 92 17.67 18.12 -0.57
CA ALA B 92 17.14 17.04 0.26
C ALA B 92 18.03 15.81 0.09
N ILE B 93 17.81 14.82 0.97
CA ILE B 93 18.31 13.47 0.73
C ILE B 93 17.30 12.74 -0.13
N TYR B 94 17.75 12.17 -1.24
CA TYR B 94 16.89 11.48 -2.19
C TYR B 94 17.10 9.99 -2.03
N TYR B 95 16.01 9.25 -1.91
CA TYR B 95 16.03 7.80 -1.66
C TYR B 95 15.36 7.07 -2.82
N CYS B 96 16.09 6.18 -3.46
CA CYS B 96 15.41 5.18 -4.29
C CYS B 96 14.53 4.26 -3.44
N THR B 97 13.40 3.85 -4.00
CA THR B 97 12.50 3.03 -3.22
C THR B 97 11.55 2.28 -4.15
N LEU B 98 11.10 1.11 -3.69
CA LEU B 98 10.45 0.12 -4.55
C LEU B 98 9.33 -0.57 -3.78
N HIS B 99 8.25 -0.88 -4.52
CA HIS B 99 7.21 -1.79 -4.08
C HIS B 99 6.61 -2.41 -5.33
N ARG B 100 6.11 -3.64 -5.20
CA ARG B 100 5.46 -4.28 -6.33
C ARG B 100 4.27 -3.45 -6.84
N PHE B 101 3.52 -2.84 -5.95
CA PHE B 101 2.28 -2.16 -6.30
C PHE B 101 2.38 -0.65 -6.12
N ALA B 102 2.15 0.07 -7.20
CA ALA B 102 2.25 1.53 -7.19
C ALA B 102 1.44 2.20 -6.09
N ASN B 103 0.19 1.81 -5.87
CA ASN B 103 -0.56 2.57 -4.88
C ASN B 103 -0.02 2.38 -3.47
N THR B 104 0.56 1.23 -3.17
CA THR B 104 1.21 1.01 -1.88
C THR B 104 2.56 1.69 -1.84
N TRP B 105 3.26 1.73 -2.98
CA TRP B 105 4.53 2.47 -3.05
C TRP B 105 4.38 3.89 -2.51
N SER B 106 3.25 4.52 -2.82
N SER B 106 3.25 4.52 -2.82
CA SER B 106 3.01 5.90 -2.42
CA SER B 106 3.04 5.91 -2.43
C SER B 106 3.07 6.11 -0.93
C SER B 106 3.00 6.13 -0.93
N LEU B 107 2.77 5.07 -0.13
CA LEU B 107 2.75 5.21 1.31
C LEU B 107 4.14 5.19 1.95
N GLY B 108 5.13 4.61 1.28
CA GLY B 108 6.49 4.51 1.80
C GLY B 108 6.70 3.39 2.80
N THR B 109 5.74 3.22 3.74
CA THR B 109 5.91 2.38 4.93
C THR B 109 6.38 0.96 4.61
N LEU B 110 5.82 0.34 3.56
CA LEU B 110 6.12 -1.05 3.23
C LEU B 110 7.18 -1.20 2.14
N ASN B 111 7.79 -0.11 1.71
CA ASN B 111 8.72 -0.21 0.58
C ASN B 111 10.08 -0.79 0.97
N VAL B 112 10.82 -1.24 -0.07
CA VAL B 112 12.26 -1.42 0.01
C VAL B 112 12.92 -0.05 -0.15
N TRP B 113 13.94 0.25 0.65
CA TRP B 113 14.53 1.58 0.69
C TRP B 113 16.01 1.54 0.39
N GLY B 114 16.46 2.49 -0.42
CA GLY B 114 17.88 2.65 -0.66
C GLY B 114 18.54 3.48 0.42
N GLN B 115 19.87 3.64 0.28
CA GLN B 115 20.64 4.30 1.32
C GLN B 115 20.39 5.80 1.30
N GLY B 116 20.22 6.36 0.11
CA GLY B 116 20.02 7.78 0.01
C GLY B 116 21.26 8.49 -0.55
N THR B 117 21.01 9.60 -1.23
CA THR B 117 22.05 10.41 -1.84
C THR B 117 21.75 11.88 -1.55
N GLN B 118 22.78 12.62 -1.17
CA GLN B 118 22.63 14.03 -0.85
C GLN B 118 22.60 14.86 -2.10
N VAL B 119 21.55 15.69 -2.25
CA VAL B 119 21.45 16.67 -3.32
C VAL B 119 21.34 18.05 -2.71
N THR B 120 22.25 18.96 -3.11
CA THR B 120 22.29 20.32 -2.57
C THR B 120 22.24 21.32 -3.72
N VAL B 121 21.22 22.18 -3.72
CA VAL B 121 21.05 23.22 -4.74
C VAL B 121 21.37 24.57 -4.10
N SER B 122 22.33 25.29 -4.70
CA SER B 122 22.81 26.54 -4.15
C SER B 122 22.54 27.72 -5.09
N SER B 123 22.59 28.92 -4.51
CA SER B 123 22.42 30.16 -5.25
C SER B 123 21.00 30.28 -5.76
#